data_4BNB
#
_entry.id   4BNB
#
_cell.length_a   54.052
_cell.length_b   120.518
_cell.length_c   68.444
_cell.angle_alpha   90.00
_cell.angle_beta   90.00
_cell.angle_gamma   90.00
#
_symmetry.space_group_name_H-M   'C 2 2 21'
#
loop_
_entity.id
_entity.type
_entity.pdbx_description
1 polymer 'COPPER INDUCED NITROREDUCTASE D'
2 non-polymer 'FLAVIN MONONUCLEOTIDE'
3 non-polymer '4-NITROQUINOLINE 1-OXIDE'
4 water water
#
_entity_poly.entity_id   1
_entity_poly.type   'polypeptide(L)'
_entity_poly.pdbx_seq_one_letter_code
;SFIKSLENRRTIYALGRNVQDEEKVIETIKEAVRFSPTAFNSQTGRLLILTGDAQDKLWDEIVAPELKAAMEAQGVPESA
WDNTRAKLDGFKAAFGTILFFEDQAVVKNLQEQFALYADNFPVWSEQGSGIISVNVWTALAELGLGANLQHYNPLIDEAV
AKEWNLPESWKLRGQLVFGSIEAPAGEKTFMDDADRFIVAK
;
_entity_poly.pdbx_strand_id   A
#
# COMPACT_ATOMS: atom_id res chain seq x y z
N SER A 1 -2.13 3.99 -23.05
CA SER A 1 -0.77 4.46 -22.86
C SER A 1 -0.43 4.50 -21.37
N PHE A 2 0.85 4.58 -21.06
CA PHE A 2 1.30 4.57 -19.67
C PHE A 2 0.82 5.81 -18.92
N ILE A 3 0.92 6.98 -19.54
CA ILE A 3 0.48 8.21 -18.90
C ILE A 3 -1.02 8.12 -18.59
N LYS A 4 -1.78 7.57 -19.52
CA LYS A 4 -3.21 7.37 -19.30
C LYS A 4 -3.44 6.45 -18.10
N SER A 5 -2.63 5.40 -17.98
CA SER A 5 -2.74 4.48 -16.86
C SER A 5 -2.52 5.24 -15.54
N LEU A 6 -1.52 6.12 -15.53
CA LEU A 6 -1.24 6.91 -14.34
C LEU A 6 -2.42 7.80 -14.00
N GLU A 7 -2.98 8.46 -15.02
CA GLU A 7 -4.08 9.38 -14.79
C GLU A 7 -5.32 8.65 -14.27
N ASN A 8 -5.48 7.40 -14.68
CA ASN A 8 -6.64 6.60 -14.28
CA ASN A 8 -6.64 6.61 -14.29
C ASN A 8 -6.63 6.20 -12.82
N ARG A 9 -5.43 6.14 -12.23
CA ARG A 9 -5.30 5.80 -10.82
C ARG A 9 -5.74 6.98 -9.97
N ARG A 10 -6.71 6.76 -9.10
CA ARG A 10 -7.18 7.81 -8.20
C ARG A 10 -7.54 7.22 -6.85
N THR A 11 -7.60 8.09 -5.85
CA THR A 11 -8.09 7.72 -4.53
C THR A 11 -9.60 7.55 -4.59
N ILE A 12 -10.06 6.34 -4.33
CA ILE A 12 -11.47 6.02 -4.31
C ILE A 12 -11.85 5.52 -2.93
N TYR A 13 -12.69 6.29 -2.23
CA TYR A 13 -13.09 5.93 -0.88
C TYR A 13 -14.34 5.04 -0.86
N ALA A 14 -15.21 5.23 -1.84
CA ALA A 14 -16.44 4.45 -1.94
C ALA A 14 -16.16 3.14 -2.67
N LEU A 15 -15.90 2.10 -1.89
CA LEU A 15 -15.51 0.80 -2.45
C LEU A 15 -16.48 -0.31 -2.05
N GLY A 16 -16.64 -1.29 -2.94
CA GLY A 16 -17.48 -2.44 -2.69
C GLY A 16 -16.78 -3.74 -3.04
N ARG A 17 -17.56 -4.81 -3.18
CA ARG A 17 -17.01 -6.15 -3.36
C ARG A 17 -17.44 -6.78 -4.68
N ASN A 18 -17.82 -5.94 -5.64
CA ASN A 18 -18.22 -6.40 -6.96
C ASN A 18 -16.97 -6.67 -7.80
N VAL A 19 -16.22 -7.69 -7.39
CA VAL A 19 -14.96 -8.06 -8.03
C VAL A 19 -15.13 -9.41 -8.71
N GLN A 20 -14.89 -9.43 -10.02
CA GLN A 20 -15.25 -10.58 -10.85
C GLN A 20 -14.23 -11.72 -10.81
N ASP A 21 -12.94 -11.37 -10.78
CA ASP A 21 -11.90 -12.36 -10.92
C ASP A 21 -10.78 -12.12 -9.90
N GLU A 22 -10.95 -12.69 -8.71
CA GLU A 22 -10.04 -12.44 -7.60
C GLU A 22 -8.64 -12.97 -7.91
N GLU A 23 -8.57 -14.09 -8.60
CA GLU A 23 -7.26 -14.66 -8.92
C GLU A 23 -6.48 -13.72 -9.82
N LYS A 24 -7.17 -13.11 -10.78
CA LYS A 24 -6.53 -12.17 -11.70
C LYS A 24 -6.00 -10.97 -10.92
N VAL A 25 -6.78 -10.52 -9.94
CA VAL A 25 -6.37 -9.40 -9.09
C VAL A 25 -5.09 -9.74 -8.33
N ILE A 26 -5.06 -10.91 -7.70
CA ILE A 26 -3.88 -11.35 -6.96
C ILE A 26 -2.65 -11.42 -7.87
N GLU A 27 -2.82 -12.00 -9.06
CA GLU A 27 -1.73 -12.12 -10.02
C GLU A 27 -1.17 -10.75 -10.38
N THR A 28 -2.07 -9.79 -10.57
CA THR A 28 -1.68 -8.44 -10.98
C THR A 28 -0.94 -7.72 -9.87
N ILE A 29 -1.39 -7.91 -8.63
CA ILE A 29 -0.71 -7.32 -7.48
C ILE A 29 0.73 -7.82 -7.41
N LYS A 30 0.90 -9.13 -7.53
CA LYS A 30 2.22 -9.73 -7.49
C LYS A 30 3.12 -9.21 -8.61
N GLU A 31 2.58 -9.13 -9.82
CA GLU A 31 3.36 -8.66 -10.96
C GLU A 31 3.82 -7.21 -10.78
N ALA A 32 2.94 -6.36 -10.25
CA ALA A 32 3.26 -4.95 -10.07
C ALA A 32 4.44 -4.80 -9.11
N VAL A 33 4.45 -5.61 -8.06
CA VAL A 33 5.57 -5.60 -7.12
C VAL A 33 6.82 -6.20 -7.74
N ARG A 34 6.65 -7.33 -8.43
CA ARG A 34 7.77 -8.03 -9.05
C ARG A 34 8.58 -7.12 -9.97
N PHE A 35 7.89 -6.34 -10.78
CA PHE A 35 8.54 -5.53 -11.78
C PHE A 35 8.87 -4.12 -11.30
N SER A 36 8.80 -3.91 -9.98
CA SER A 36 9.19 -2.63 -9.38
C SER A 36 10.67 -2.63 -9.01
N PRO A 37 11.37 -1.53 -9.31
CA PRO A 37 12.80 -1.46 -8.98
C PRO A 37 13.05 -1.14 -7.51
N THR A 38 14.18 -1.64 -7.00
CA THR A 38 14.60 -1.36 -5.62
C THR A 38 16.12 -1.25 -5.60
N ALA A 39 16.64 -0.49 -4.64
CA ALA A 39 18.08 -0.34 -4.50
C ALA A 39 18.75 -1.70 -4.40
N PHE A 40 19.81 -1.89 -5.18
CA PHE A 40 20.57 -3.15 -5.20
C PHE A 40 19.71 -4.37 -5.51
N ASN A 41 18.57 -4.15 -6.16
CA ASN A 41 17.62 -5.23 -6.40
C ASN A 41 17.30 -5.97 -5.10
N SER A 42 17.22 -5.22 -4.01
CA SER A 42 17.06 -5.79 -2.68
C SER A 42 15.64 -6.31 -2.42
N GLN A 43 14.66 -5.81 -3.17
CA GLN A 43 13.30 -6.34 -3.10
C GLN A 43 12.82 -6.46 -1.66
N THR A 44 12.88 -5.36 -0.93
CA THR A 44 12.59 -5.36 0.50
C THR A 44 11.10 -5.33 0.82
N GLY A 45 10.26 -5.15 -0.20
CA GLY A 45 8.83 -5.09 0.01
C GLY A 45 8.23 -6.44 0.35
N ARG A 46 7.28 -6.42 1.28
CA ARG A 46 6.53 -7.61 1.67
C ARG A 46 5.05 -7.25 1.69
N LEU A 47 4.20 -8.16 1.25
CA LEU A 47 2.76 -7.91 1.20
C LEU A 47 1.96 -8.95 1.96
N LEU A 48 0.99 -8.49 2.74
CA LEU A 48 -0.08 -9.33 3.26
C LEU A 48 -1.36 -8.87 2.58
N ILE A 49 -1.97 -9.77 1.80
CA ILE A 49 -3.16 -9.45 1.04
C ILE A 49 -4.37 -10.12 1.68
N LEU A 50 -5.31 -9.32 2.17
CA LEU A 50 -6.46 -9.84 2.89
C LEU A 50 -7.76 -9.59 2.14
N THR A 51 -8.60 -10.63 2.05
CA THR A 51 -9.94 -10.51 1.50
C THR A 51 -10.90 -11.32 2.35
N GLY A 52 -12.20 -11.20 2.07
CA GLY A 52 -13.20 -11.98 2.75
C GLY A 52 -13.18 -11.85 4.26
N ASP A 53 -13.19 -12.97 4.96
CA ASP A 53 -13.22 -12.97 6.42
C ASP A 53 -12.05 -12.22 7.03
N ALA A 54 -10.88 -12.30 6.39
CA ALA A 54 -9.68 -11.63 6.89
C ALA A 54 -9.82 -10.13 6.77
N GLN A 55 -10.45 -9.68 5.69
CA GLN A 55 -10.74 -8.27 5.50
C GLN A 55 -11.67 -7.75 6.60
N ASP A 56 -12.72 -8.51 6.89
CA ASP A 56 -13.62 -8.15 7.98
C ASP A 56 -12.86 -8.10 9.30
N LYS A 57 -12.01 -9.09 9.54
CA LYS A 57 -11.29 -9.19 10.81
C LYS A 57 -10.34 -8.02 11.02
N LEU A 58 -9.61 -7.63 9.98
CA LEU A 58 -8.66 -6.53 10.10
C LEU A 58 -9.35 -5.31 10.67
N TRP A 59 -10.46 -4.92 10.05
CA TRP A 59 -11.09 -3.65 10.37
C TRP A 59 -11.96 -3.70 11.63
N ASP A 60 -12.69 -4.80 11.81
CA ASP A 60 -13.56 -4.92 12.99
C ASP A 60 -12.80 -5.29 14.26
N GLU A 61 -11.84 -6.20 14.15
CA GLU A 61 -11.22 -6.78 15.33
C GLU A 61 -9.84 -6.22 15.66
N ILE A 62 -9.23 -5.50 14.72
CA ILE A 62 -7.91 -4.94 14.96
C ILE A 62 -7.88 -3.42 14.87
N VAL A 63 -8.24 -2.87 13.72
CA VAL A 63 -8.13 -1.41 13.53
C VAL A 63 -9.07 -0.66 14.46
N ALA A 64 -10.34 -1.06 14.51
CA ALA A 64 -11.33 -0.37 15.33
C ALA A 64 -10.94 -0.33 16.81
N PRO A 65 -10.69 -1.49 17.43
CA PRO A 65 -10.33 -1.49 18.85
C PRO A 65 -9.02 -0.75 19.15
N GLU A 66 -8.02 -0.92 18.29
CA GLU A 66 -6.75 -0.22 18.49
C GLU A 66 -6.96 1.28 18.41
N LEU A 67 -7.70 1.71 17.40
CA LEU A 67 -7.97 3.12 17.18
C LEU A 67 -8.69 3.72 18.39
N LYS A 68 -9.70 3.01 18.89
CA LYS A 68 -10.45 3.47 20.05
C LYS A 68 -9.53 3.58 21.26
N ALA A 69 -8.79 2.51 21.53
CA ALA A 69 -7.89 2.48 22.68
C ALA A 69 -6.91 3.64 22.63
N ALA A 70 -6.45 3.98 21.42
CA ALA A 70 -5.51 5.07 21.23
C ALA A 70 -6.17 6.42 21.50
N MET A 71 -7.19 6.75 20.70
CA MET A 71 -7.88 8.03 20.80
C MET A 71 -8.13 8.42 22.25
N GLU A 72 -8.55 7.46 23.06
CA GLU A 72 -8.84 7.71 24.47
C GLU A 72 -7.64 8.38 25.15
N ALA A 73 -6.44 7.86 24.88
CA ALA A 73 -5.23 8.43 25.44
C ALA A 73 -4.97 9.82 24.89
N ALA A 86 -17.66 4.12 10.99
CA ALA A 86 -18.03 5.12 9.98
C ALA A 86 -17.05 5.07 8.82
N LYS A 87 -15.91 5.74 8.98
CA LYS A 87 -14.84 5.64 8.01
C LYS A 87 -14.38 4.19 7.96
N LEU A 88 -14.27 3.58 9.14
CA LEU A 88 -13.83 2.20 9.25
C LEU A 88 -14.79 1.25 8.54
N ASP A 89 -16.09 1.54 8.63
CA ASP A 89 -17.08 0.73 7.93
C ASP A 89 -16.88 0.82 6.42
N GLY A 90 -16.49 2.01 5.95
CA GLY A 90 -16.22 2.23 4.54
C GLY A 90 -14.98 1.48 4.07
N PHE A 91 -13.98 1.37 4.93
CA PHE A 91 -12.80 0.58 4.63
C PHE A 91 -13.13 -0.90 4.65
N LYS A 92 -13.88 -1.33 5.65
CA LYS A 92 -14.26 -2.72 5.78
C LYS A 92 -15.12 -3.16 4.59
N ALA A 93 -15.95 -2.25 4.09
CA ALA A 93 -16.89 -2.57 3.02
C ALA A 93 -16.17 -2.91 1.71
N ALA A 94 -14.90 -2.54 1.62
CA ALA A 94 -14.10 -2.85 0.44
C ALA A 94 -13.87 -4.36 0.30
N PHE A 95 -13.34 -4.77 -0.85
CA PHE A 95 -13.10 -6.18 -1.13
C PHE A 95 -11.91 -6.72 -0.34
N GLY A 96 -10.87 -5.92 -0.20
CA GLY A 96 -9.69 -6.36 0.52
C GLY A 96 -8.79 -5.22 0.95
N THR A 97 -7.71 -5.59 1.63
CA THR A 97 -6.68 -4.65 2.04
C THR A 97 -5.32 -5.28 1.78
N ILE A 98 -4.44 -4.52 1.14
CA ILE A 98 -3.09 -4.96 0.88
C ILE A 98 -2.16 -4.21 1.83
N LEU A 99 -1.58 -4.93 2.78
CA LEU A 99 -0.69 -4.32 3.75
C LEU A 99 0.74 -4.41 3.25
N PHE A 100 1.39 -3.26 3.14
CA PHE A 100 2.74 -3.16 2.62
C PHE A 100 3.74 -3.02 3.76
N PHE A 101 4.74 -3.90 3.78
CA PHE A 101 5.81 -3.85 4.77
C PHE A 101 7.15 -3.73 4.09
N GLU A 102 8.16 -3.32 4.86
CA GLU A 102 9.54 -3.35 4.42
C GLU A 102 10.33 -4.25 5.35
N ASP A 103 11.08 -5.19 4.77
CA ASP A 103 11.80 -6.18 5.56
C ASP A 103 13.08 -5.59 6.15
N GLN A 104 13.04 -5.31 7.45
CA GLN A 104 14.15 -4.66 8.13
C GLN A 104 15.38 -5.56 8.26
N ALA A 105 15.18 -6.87 8.16
CA ALA A 105 16.31 -7.80 8.25
C ALA A 105 17.19 -7.63 7.03
N VAL A 106 16.57 -7.45 5.87
CA VAL A 106 17.32 -7.22 4.64
C VAL A 106 17.98 -5.86 4.68
N VAL A 107 17.27 -4.85 5.17
CA VAL A 107 17.84 -3.51 5.30
C VAL A 107 19.08 -3.55 6.18
N LYS A 108 18.99 -4.21 7.33
CA LYS A 108 20.12 -4.28 8.25
C LYS A 108 21.29 -5.03 7.62
N ASN A 109 21.00 -6.10 6.87
CA ASN A 109 22.05 -6.84 6.18
C ASN A 109 22.77 -5.97 5.15
N LEU A 110 22.01 -5.16 4.43
CA LEU A 110 22.59 -4.23 3.46
C LEU A 110 23.49 -3.22 4.16
N GLN A 111 23.03 -2.71 5.28
CA GLN A 111 23.80 -1.74 6.06
C GLN A 111 25.13 -2.35 6.50
N GLU A 112 25.12 -3.64 6.79
CA GLU A 112 26.32 -4.33 7.26
C GLU A 112 27.26 -4.68 6.11
N GLN A 113 26.68 -5.03 4.96
CA GLN A 113 27.47 -5.40 3.80
C GLN A 113 28.10 -4.19 3.12
N PHE A 114 27.35 -3.11 3.03
CA PHE A 114 27.82 -1.88 2.40
C PHE A 114 27.75 -0.73 3.39
N ALA A 115 28.67 -0.72 4.35
CA ALA A 115 28.67 0.27 5.42
C ALA A 115 28.69 1.70 4.88
N LEU A 116 29.28 1.89 3.72
CA LEU A 116 29.36 3.21 3.10
C LEU A 116 27.97 3.81 2.88
N TYR A 117 27.00 2.95 2.57
CA TYR A 117 25.64 3.40 2.28
C TYR A 117 24.68 3.12 3.42
N ALA A 118 25.21 2.89 4.63
CA ALA A 118 24.39 2.45 5.75
C ALA A 118 23.21 3.39 6.04
N ASP A 119 23.46 4.70 6.03
CA ASP A 119 22.42 5.67 6.34
C ASP A 119 21.40 5.77 5.21
N ASN A 120 21.78 5.32 4.01
CA ASN A 120 20.92 5.47 2.84
C ASN A 120 19.87 4.38 2.70
N PHE A 121 20.14 3.18 3.20
CA PHE A 121 19.25 2.04 2.95
C PHE A 121 17.85 2.23 3.53
N PRO A 122 17.74 2.81 4.73
CA PRO A 122 16.39 3.12 5.21
C PRO A 122 15.63 4.05 4.27
N VAL A 123 16.33 5.04 3.72
CA VAL A 123 15.73 5.98 2.79
C VAL A 123 15.27 5.27 1.51
N TRP A 124 16.16 4.48 0.92
CA TRP A 124 15.84 3.78 -0.33
C TRP A 124 14.74 2.75 -0.12
N SER A 125 14.66 2.20 1.10
CA SER A 125 13.60 1.27 1.45
C SER A 125 12.24 1.99 1.52
N GLU A 126 12.21 3.17 2.12
CA GLU A 126 10.98 3.96 2.16
C GLU A 126 10.55 4.30 0.73
N GLN A 127 11.51 4.72 -0.08
CA GLN A 127 11.23 5.02 -1.48
C GLN A 127 10.66 3.78 -2.16
N GLY A 128 11.25 2.62 -1.87
CA GLY A 128 10.78 1.35 -2.41
C GLY A 128 9.34 1.04 -2.03
N SER A 129 8.97 1.39 -0.81
CA SER A 129 7.60 1.14 -0.34
C SER A 129 6.62 1.99 -1.14
N GLY A 130 6.96 3.26 -1.34
CA GLY A 130 6.14 4.14 -2.15
C GLY A 130 6.00 3.61 -3.55
N ILE A 131 7.11 3.17 -4.11
CA ILE A 131 7.16 2.64 -5.47
C ILE A 131 6.20 1.47 -5.66
N ILE A 132 6.28 0.46 -4.81
CA ILE A 132 5.44 -0.72 -5.01
C ILE A 132 3.99 -0.42 -4.67
N SER A 133 3.77 0.49 -3.72
CA SER A 133 2.41 0.83 -3.34
C SER A 133 1.65 1.45 -4.52
N VAL A 134 2.26 2.40 -5.22
CA VAL A 134 1.58 3.07 -6.33
C VAL A 134 1.54 2.20 -7.58
N ASN A 135 2.55 1.36 -7.78
CA ASN A 135 2.50 0.44 -8.92
C ASN A 135 1.35 -0.55 -8.76
N VAL A 136 1.15 -1.07 -7.56
CA VAL A 136 0.00 -1.94 -7.29
C VAL A 136 -1.31 -1.17 -7.47
N TRP A 137 -1.35 0.03 -6.89
CA TRP A 137 -2.52 0.89 -6.95
C TRP A 137 -2.92 1.14 -8.41
N THR A 138 -1.95 1.48 -9.23
CA THR A 138 -2.22 1.79 -10.64
C THR A 138 -2.62 0.53 -11.41
N ALA A 139 -2.00 -0.60 -11.09
CA ALA A 139 -2.36 -1.85 -11.75
C ALA A 139 -3.80 -2.25 -11.43
N LEU A 140 -4.23 -2.03 -10.19
CA LEU A 140 -5.60 -2.30 -9.81
C LEU A 140 -6.57 -1.40 -10.58
N ALA A 141 -6.22 -0.14 -10.73
CA ALA A 141 -7.05 0.80 -11.46
C ALA A 141 -7.23 0.37 -12.92
N GLU A 142 -6.19 -0.23 -13.49
CA GLU A 142 -6.28 -0.72 -14.87
C GLU A 142 -7.33 -1.83 -14.99
N LEU A 143 -7.49 -2.61 -13.93
CA LEU A 143 -8.50 -3.66 -13.91
C LEU A 143 -9.90 -3.10 -13.65
N GLY A 144 -9.98 -1.79 -13.44
CA GLY A 144 -11.25 -1.14 -13.18
C GLY A 144 -11.60 -1.07 -11.71
N LEU A 145 -10.64 -1.45 -10.86
CA LEU A 145 -10.86 -1.43 -9.41
C LEU A 145 -10.30 -0.15 -8.81
N GLY A 146 -10.94 0.31 -7.74
CA GLY A 146 -10.49 1.50 -7.05
C GLY A 146 -9.74 1.14 -5.78
N ALA A 147 -9.03 2.11 -5.22
CA ALA A 147 -8.30 1.90 -3.98
C ALA A 147 -8.00 3.21 -3.28
N ASN A 148 -7.72 3.13 -2.00
CA ASN A 148 -7.21 4.27 -1.25
C ASN A 148 -6.13 3.77 -0.29
N LEU A 149 -5.19 4.64 0.05
CA LEU A 149 -4.04 4.28 0.86
C LEU A 149 -4.15 4.84 2.26
N GLN A 150 -4.06 3.98 3.27
CA GLN A 150 -4.21 4.39 4.66
C GLN A 150 -2.96 4.12 5.48
N HIS A 151 -2.89 4.74 6.66
CA HIS A 151 -1.74 4.61 7.53
C HIS A 151 -2.14 4.48 8.99
N TYR A 152 -2.54 3.27 9.36
CA TYR A 152 -2.88 2.96 10.73
C TYR A 152 -1.72 2.28 11.43
N ASN A 153 -0.59 2.18 10.72
CA ASN A 153 0.69 1.90 11.35
C ASN A 153 1.15 3.15 12.09
N PRO A 154 1.85 2.97 13.22
CA PRO A 154 2.26 1.70 13.82
C PRO A 154 1.24 1.12 14.81
N LEU A 155 0.07 1.74 14.91
CA LEU A 155 -0.92 1.34 15.91
C LEU A 155 -1.33 -0.13 15.81
N ILE A 156 -1.46 -0.64 14.59
CA ILE A 156 -1.98 -1.98 14.36
C ILE A 156 -0.90 -3.03 14.10
N ASP A 157 0.36 -2.60 14.11
CA ASP A 157 1.48 -3.47 13.72
C ASP A 157 1.51 -4.80 14.46
N GLU A 158 1.51 -4.74 15.79
CA GLU A 158 1.65 -5.94 16.61
C GLU A 158 0.48 -6.90 16.44
N ALA A 159 -0.73 -6.35 16.40
CA ALA A 159 -1.93 -7.17 16.24
C ALA A 159 -1.93 -7.88 14.90
N VAL A 160 -1.49 -7.18 13.86
CA VAL A 160 -1.44 -7.75 12.52
C VAL A 160 -0.40 -8.86 12.44
N ALA A 161 0.78 -8.62 13.03
CA ALA A 161 1.85 -9.61 13.00
C ALA A 161 1.42 -10.89 13.72
N LYS A 162 0.70 -10.74 14.82
CA LYS A 162 0.26 -11.89 15.62
C LYS A 162 -0.79 -12.71 14.88
N GLU A 163 -1.82 -12.03 14.36
CA GLU A 163 -2.94 -12.70 13.73
C GLU A 163 -2.52 -13.51 12.49
N TRP A 164 -1.65 -12.94 11.67
CA TRP A 164 -1.23 -13.60 10.44
C TRP A 164 0.21 -14.12 10.52
N ASN A 165 0.72 -14.22 11.74
CA ASN A 165 2.01 -14.85 11.99
C ASN A 165 3.13 -14.31 11.11
N LEU A 166 3.30 -12.99 11.14
CA LEU A 166 4.31 -12.34 10.32
C LEU A 166 5.65 -12.27 11.04
N PRO A 167 6.75 -12.32 10.27
CA PRO A 167 8.08 -12.13 10.87
C PRO A 167 8.19 -10.79 11.57
N GLU A 168 8.92 -10.74 12.68
CA GLU A 168 9.13 -9.50 13.40
C GLU A 168 9.80 -8.45 12.52
N SER A 169 10.53 -8.91 11.50
CA SER A 169 11.30 -8.01 10.66
C SER A 169 10.45 -7.24 9.65
N TRP A 170 9.19 -7.64 9.46
CA TRP A 170 8.31 -6.90 8.55
C TRP A 170 7.80 -5.62 9.21
N LYS A 171 8.21 -4.48 8.65
CA LYS A 171 7.79 -3.20 9.19
C LYS A 171 6.68 -2.60 8.34
N LEU A 172 5.49 -2.49 8.92
CA LEU A 172 4.31 -2.01 8.21
C LEU A 172 4.47 -0.55 7.80
N ARG A 173 4.21 -0.26 6.52
CA ARG A 173 4.35 1.10 5.99
C ARG A 173 3.03 1.71 5.51
N GLY A 174 2.09 0.88 5.10
CA GLY A 174 0.85 1.38 4.53
C GLY A 174 -0.16 0.27 4.28
N GLN A 175 -1.43 0.66 4.13
CA GLN A 175 -2.50 -0.30 3.87
C GLN A 175 -3.36 0.20 2.71
N LEU A 176 -3.31 -0.52 1.60
CA LEU A 176 -4.06 -0.14 0.41
C LEU A 176 -5.39 -0.90 0.37
N VAL A 177 -6.46 -0.18 0.67
CA VAL A 177 -7.81 -0.73 0.64
C VAL A 177 -8.32 -0.68 -0.80
N PHE A 178 -8.90 -1.77 -1.27
CA PHE A 178 -9.29 -1.87 -2.67
C PHE A 178 -10.59 -2.64 -2.89
N GLY A 179 -11.24 -2.35 -4.02
CA GLY A 179 -12.48 -3.01 -4.35
C GLY A 179 -13.14 -2.37 -5.56
N SER A 180 -14.41 -2.68 -5.76
CA SER A 180 -15.18 -2.10 -6.85
C SER A 180 -15.47 -0.62 -6.59
N ILE A 181 -15.46 0.16 -7.67
CA ILE A 181 -15.72 1.60 -7.56
C ILE A 181 -17.21 1.86 -7.45
N GLU A 182 -17.62 2.48 -6.34
CA GLU A 182 -19.03 2.72 -6.08
C GLU A 182 -19.39 4.20 -6.15
N ALA A 183 -18.37 5.07 -6.20
CA ALA A 183 -18.56 6.49 -6.46
C ALA A 183 -17.26 7.04 -7.03
N PRO A 184 -17.36 8.06 -7.91
CA PRO A 184 -16.18 8.58 -8.59
C PRO A 184 -15.22 9.31 -7.64
N ALA A 185 -13.96 9.44 -8.08
CA ALA A 185 -12.97 10.20 -7.33
C ALA A 185 -13.43 11.64 -7.19
N GLY A 186 -12.96 12.31 -6.15
CA GLY A 186 -13.28 13.71 -5.94
C GLY A 186 -12.48 14.61 -6.87
N GLU A 187 -12.67 15.92 -6.72
CA GLU A 187 -11.91 16.89 -7.49
C GLU A 187 -10.47 16.96 -6.98
N LYS A 188 -9.54 17.26 -7.89
CA LYS A 188 -8.14 17.37 -7.52
C LYS A 188 -7.46 18.51 -8.29
N THR A 189 -6.65 19.30 -7.57
CA THR A 189 -5.93 20.39 -8.19
C THR A 189 -4.46 20.02 -8.43
N PHE A 190 -3.79 20.82 -9.24
CA PHE A 190 -2.37 20.63 -9.54
C PHE A 190 -1.63 21.94 -9.39
N MET A 191 -0.38 21.86 -8.94
CA MET A 191 0.53 23.00 -8.93
C MET A 191 0.73 23.61 -10.31
N ASP A 192 1.22 24.85 -10.30
CA ASP A 192 1.73 25.50 -11.51
C ASP A 192 3.02 24.79 -11.92
N ASP A 193 3.09 24.35 -13.18
CA ASP A 193 4.32 23.74 -13.72
C ASP A 193 5.56 24.58 -13.37
N ALA A 194 5.41 25.90 -13.44
CA ALA A 194 6.55 26.79 -13.30
C ALA A 194 7.18 26.70 -11.93
N ASP A 195 6.42 26.23 -10.95
CA ASP A 195 6.91 26.15 -9.58
C ASP A 195 7.59 24.82 -9.23
N ARG A 196 7.49 23.82 -10.10
CA ARG A 196 8.13 22.54 -9.81
C ARG A 196 8.97 21.92 -10.94
N PHE A 197 8.96 22.52 -12.13
CA PHE A 197 9.80 22.05 -13.22
C PHE A 197 10.69 23.16 -13.75
N ILE A 198 12.00 22.90 -13.77
CA ILE A 198 12.96 23.78 -14.43
C ILE A 198 13.66 22.98 -15.51
N VAL A 199 13.67 23.52 -16.73
CA VAL A 199 14.35 22.88 -17.84
C VAL A 199 15.49 23.78 -18.29
N ALA A 200 16.71 23.22 -18.33
CA ALA A 200 17.89 23.97 -18.73
C ALA A 200 18.71 23.21 -19.76
N LYS A 201 19.41 23.95 -20.61
CA LYS A 201 20.22 23.36 -21.67
C LYS A 201 21.58 24.04 -21.74
#